data_4WBV
# 
_entry.id   4WBV 
# 
_audit_conform.dict_name       mmcif_pdbx.dic 
_audit_conform.dict_version    5.383 
_audit_conform.dict_location   http://mmcif.pdb.org/dictionaries/ascii/mmcif_pdbx.dic 
# 
loop_
_database_2.database_id 
_database_2.database_code 
_database_2.pdbx_database_accession 
_database_2.pdbx_DOI 
PDB   4WBV         pdb_00004wbv 10.2210/pdb4wbv/pdb 
WWPDB D_1000203557 ?            ?                   
# 
loop_
_pdbx_audit_revision_history.ordinal 
_pdbx_audit_revision_history.data_content_type 
_pdbx_audit_revision_history.major_revision 
_pdbx_audit_revision_history.minor_revision 
_pdbx_audit_revision_history.revision_date 
1 'Structure model' 1 0 2015-05-27 
2 'Structure model' 1 1 2015-07-01 
3 'Structure model' 1 2 2017-11-22 
4 'Structure model' 1 3 2023-12-27 
# 
_pdbx_audit_revision_details.ordinal             1 
_pdbx_audit_revision_details.revision_ordinal    1 
_pdbx_audit_revision_details.data_content_type   'Structure model' 
_pdbx_audit_revision_details.provider            repository 
_pdbx_audit_revision_details.type                'Initial release' 
_pdbx_audit_revision_details.description         ? 
_pdbx_audit_revision_details.details             ? 
# 
loop_
_pdbx_audit_revision_group.ordinal 
_pdbx_audit_revision_group.revision_ordinal 
_pdbx_audit_revision_group.data_content_type 
_pdbx_audit_revision_group.group 
1 2 'Structure model' 'Database references'    
2 2 'Structure model' 'Derived calculations'   
3 3 'Structure model' 'Derived calculations'   
4 3 'Structure model' 'Refinement description' 
5 3 'Structure model' 'Source and taxonomy'    
6 4 'Structure model' 'Data collection'        
7 4 'Structure model' 'Database references'    
# 
loop_
_pdbx_audit_revision_category.ordinal 
_pdbx_audit_revision_category.revision_ordinal 
_pdbx_audit_revision_category.data_content_type 
_pdbx_audit_revision_category.category 
1 3 'Structure model' pdbx_entity_src_syn         
2 3 'Structure model' pdbx_struct_assembly        
3 3 'Structure model' pdbx_struct_assembly_gen    
4 3 'Structure model' pdbx_struct_oper_list       
5 3 'Structure model' software                    
6 4 'Structure model' chem_comp_atom              
7 4 'Structure model' chem_comp_bond              
8 4 'Structure model' database_2                  
9 4 'Structure model' diffrn_radiation_wavelength 
# 
loop_
_pdbx_audit_revision_item.ordinal 
_pdbx_audit_revision_item.revision_ordinal 
_pdbx_audit_revision_item.data_content_type 
_pdbx_audit_revision_item.item 
1 3 'Structure model' '_pdbx_entity_src_syn.pdbx_alt_source_flag' 
2 3 'Structure model' '_pdbx_struct_assembly.oligomeric_details'  
3 3 'Structure model' '_pdbx_struct_assembly_gen.asym_id_list'    
4 3 'Structure model' '_pdbx_struct_oper_list.symmetry_operation' 
5 4 'Structure model' '_database_2.pdbx_DOI'                      
6 4 'Structure model' '_database_2.pdbx_database_accession'       
# 
_pdbx_database_status.status_code                     REL 
_pdbx_database_status.status_code_sf                  REL 
_pdbx_database_status.status_code_mr                  ? 
_pdbx_database_status.entry_id                        4WBV 
_pdbx_database_status.recvd_initial_deposition_date   2014-09-03 
_pdbx_database_status.SG_entry                        N 
_pdbx_database_status.deposit_site                    RCSB 
_pdbx_database_status.process_site                    RCSB 
_pdbx_database_status.status_code_cs                  ? 
_pdbx_database_status.methods_development_category    ? 
_pdbx_database_status.pdb_format_compatible           Y 
_pdbx_database_status.status_code_nmr_data            ? 
# 
loop_
_pdbx_database_related.content_type 
_pdbx_database_related.db_id 
_pdbx_database_related.db_name 
_pdbx_database_related.details 
unspecified 4WBU PDB . 
unspecified 4W71 PDB . 
unspecified 4W67 PDB . 
unspecified 4W5Y PDB . 
unspecified 4W5P PDB . 
unspecified 4W5M PDB . 
unspecified 4W5L PDB . 
unspecified 4UBZ PDB . 
unspecified 4UBY PDB . 
# 
loop_
_audit_author.name 
_audit_author.pdbx_ordinal 
'Yu, L.'     1 
'Lee, S.-J.' 2 
'Yee, V.'    3 
# 
_citation.abstract                  ? 
_citation.abstract_id_CAS           ? 
_citation.book_id_ISBN              ? 
_citation.book_publisher            ? 
_citation.book_publisher_city       ? 
_citation.book_title                ? 
_citation.coordinate_linkage        ? 
_citation.country                   US 
_citation.database_id_Medline       ? 
_citation.details                   ? 
_citation.id                        primary 
_citation.journal_abbrev            Biochemistry 
_citation.journal_id_ASTM           BICHAW 
_citation.journal_id_CSD            0033 
_citation.journal_id_ISSN           0006-2960 
_citation.journal_full              ? 
_citation.journal_issue             ? 
_citation.journal_volume            54 
_citation.language                  ? 
_citation.page_first                3640 
_citation.page_last                 3648 
_citation.title                     
'Crystal Structures of Polymorphic Prion Protein beta 1 Peptides Reveal Variable Steric Zipper Conformations.' 
_citation.year                      2015 
_citation.database_id_CSD           ? 
_citation.pdbx_database_id_DOI      10.1021/acs.biochem.5b00425 
_citation.pdbx_database_id_PubMed   25978088 
_citation.unpublished_flag          ? 
# 
loop_
_citation_author.citation_id 
_citation_author.name 
_citation_author.ordinal 
_citation_author.identifier_ORCID 
primary 'Yu, L.'    1 ? 
primary 'Lee, S.J.' 2 ? 
primary 'Yee, V.C.' 3 ? 
# 
loop_
_entity.id 
_entity.type 
_entity.src_method 
_entity.pdbx_description 
_entity.formula_weight 
_entity.pdbx_number_of_molecules 
_entity.pdbx_ec 
_entity.pdbx_mutation 
_entity.pdbx_fragment 
_entity.details 
1 polymer syn 'PrP peptide' 594.659 2 ? ? ? ? 
2 water   nat water         18.015  5 ? ? ? ? 
# 
_entity_poly.entity_id                      1 
_entity_poly.type                           'polypeptide(L)' 
_entity_poly.nstd_linkage                   no 
_entity_poly.nstd_monomer                   no 
_entity_poly.pdbx_seq_one_letter_code       GYVLGS 
_entity_poly.pdbx_seq_one_letter_code_can   GYVLGS 
_entity_poly.pdbx_strand_id                 A,B 
_entity_poly.pdbx_target_identifier         ? 
# 
_pdbx_entity_nonpoly.entity_id   2 
_pdbx_entity_nonpoly.name        water 
_pdbx_entity_nonpoly.comp_id     HOH 
# 
loop_
_entity_poly_seq.entity_id 
_entity_poly_seq.num 
_entity_poly_seq.mon_id 
_entity_poly_seq.hetero 
1 1 GLY n 
1 2 TYR n 
1 3 VAL n 
1 4 LEU n 
1 5 GLY n 
1 6 SER n 
# 
_pdbx_entity_src_syn.entity_id              1 
_pdbx_entity_src_syn.pdbx_src_id            1 
_pdbx_entity_src_syn.pdbx_alt_source_flag   sample 
_pdbx_entity_src_syn.pdbx_beg_seq_num       1 
_pdbx_entity_src_syn.pdbx_end_seq_num       6 
_pdbx_entity_src_syn.organism_scientific    'synthetic construct' 
_pdbx_entity_src_syn.organism_common_name   ? 
_pdbx_entity_src_syn.ncbi_taxonomy_id       32630 
_pdbx_entity_src_syn.details                synthetic 
# 
loop_
_chem_comp.id 
_chem_comp.type 
_chem_comp.mon_nstd_flag 
_chem_comp.name 
_chem_comp.pdbx_synonyms 
_chem_comp.formula 
_chem_comp.formula_weight 
GLY 'peptide linking'   y GLYCINE  ? 'C2 H5 N O2'  75.067  
HOH non-polymer         . WATER    ? 'H2 O'        18.015  
LEU 'L-peptide linking' y LEUCINE  ? 'C6 H13 N O2' 131.173 
SER 'L-peptide linking' y SERINE   ? 'C3 H7 N O3'  105.093 
TYR 'L-peptide linking' y TYROSINE ? 'C9 H11 N O3' 181.189 
VAL 'L-peptide linking' y VALINE   ? 'C5 H11 N O2' 117.146 
# 
loop_
_pdbx_poly_seq_scheme.asym_id 
_pdbx_poly_seq_scheme.entity_id 
_pdbx_poly_seq_scheme.seq_id 
_pdbx_poly_seq_scheme.mon_id 
_pdbx_poly_seq_scheme.ndb_seq_num 
_pdbx_poly_seq_scheme.pdb_seq_num 
_pdbx_poly_seq_scheme.auth_seq_num 
_pdbx_poly_seq_scheme.pdb_mon_id 
_pdbx_poly_seq_scheme.auth_mon_id 
_pdbx_poly_seq_scheme.pdb_strand_id 
_pdbx_poly_seq_scheme.pdb_ins_code 
_pdbx_poly_seq_scheme.hetero 
A 1 1 GLY 1 127 127 GLY GLY A . n 
A 1 2 TYR 2 128 128 TYR TYR A . n 
A 1 3 VAL 3 129 129 VAL VAL A . n 
A 1 4 LEU 4 130 130 LEU LEU A . n 
A 1 5 GLY 5 131 131 GLY GLY A . n 
A 1 6 SER 6 132 132 SER SER A . n 
B 1 1 GLY 1 127 127 GLY GLY B . n 
B 1 2 TYR 2 128 128 TYR TYR B . n 
B 1 3 VAL 3 129 129 VAL VAL B . n 
B 1 4 LEU 4 130 130 LEU LEU B . n 
B 1 5 GLY 5 131 131 GLY GLY B . n 
B 1 6 SER 6 132 132 SER SER B . n 
# 
loop_
_pdbx_nonpoly_scheme.asym_id 
_pdbx_nonpoly_scheme.entity_id 
_pdbx_nonpoly_scheme.mon_id 
_pdbx_nonpoly_scheme.ndb_seq_num 
_pdbx_nonpoly_scheme.pdb_seq_num 
_pdbx_nonpoly_scheme.auth_seq_num 
_pdbx_nonpoly_scheme.pdb_mon_id 
_pdbx_nonpoly_scheme.auth_mon_id 
_pdbx_nonpoly_scheme.pdb_strand_id 
_pdbx_nonpoly_scheme.pdb_ins_code 
C 2 HOH 1 201 1 HOH HOH A . 
C 2 HOH 2 202 2 HOH HOH A . 
C 2 HOH 3 203 3 HOH HOH A . 
D 2 HOH 1 201 5 HOH HOH B . 
D 2 HOH 2 202 4 HOH HOH B . 
# 
loop_
_software.citation_id 
_software.classification 
_software.compiler_name 
_software.compiler_version 
_software.contact_author 
_software.contact_author_email 
_software.date 
_software.description 
_software.dependencies 
_software.hardware 
_software.language 
_software.location 
_software.mods 
_software.name 
_software.os 
_software.os_version 
_software.type 
_software.version 
_software.pdbx_ordinal 
? 'data reduction'  ? ? ? ? ? ? ? ? ? ? ? HKL-2000    ? ? ? .                           1 
? refinement        ? ? ? ? ? ? ? ? ? ? ? PHENIX      ? ? ? '(phenix.refine: 1.9_1692)' 2 
? 'data extraction' ? ? ? ? ? ? ? ? ? ? ? PDB_EXTRACT ? ? ? 3.15                        3 
? 'data scaling'    ? ? ? ? ? ? ? ? ? ? ? HKL-2000    ? ? ? .                           4 
? 'data reduction'  ? ? ? ? ? ? ? ? ? ? ? DENZO       ? ? ? .                           5 
? 'data scaling'    ? ? ? ? ? ? ? ? ? ? ? SCALEPACK   ? ? ? .                           6 
# 
_cell.length_a           19.618 
_cell.length_b           9.459 
_cell.length_c           19.672 
_cell.angle_alpha        90.000 
_cell.angle_beta         92.920 
_cell.angle_gamma        90.000 
_cell.entry_id           4WBV 
_cell.Z_PDB              4 
_cell.pdbx_unique_axis   ? 
# 
_symmetry.entry_id                         4WBV 
_symmetry.cell_setting                     ? 
_symmetry.Int_Tables_number                4 
_symmetry.space_group_name_Hall            ? 
_symmetry.space_group_name_H-M             'P 1 21 1' 
_symmetry.pdbx_full_space_group_name_H-M   ? 
# 
_exptl.absorpt_coefficient_mu     ? 
_exptl.absorpt_correction_T_max   ? 
_exptl.absorpt_correction_T_min   ? 
_exptl.absorpt_correction_type    ? 
_exptl.absorpt_process_details    ? 
_exptl.entry_id                   4WBV 
_exptl.crystals_number            1 
_exptl.details                    ? 
_exptl.method                     'X-RAY DIFFRACTION' 
_exptl.method_details             ? 
# 
_exptl_crystal.colour                      ? 
_exptl_crystal.density_diffrn              ? 
_exptl_crystal.density_Matthews            1.53 
_exptl_crystal.density_method              ? 
_exptl_crystal.density_percent_sol         19.75 
_exptl_crystal.description                 ? 
_exptl_crystal.F_000                       ? 
_exptl_crystal.id                          1 
_exptl_crystal.preparation                 ? 
_exptl_crystal.size_max                    ? 
_exptl_crystal.size_mid                    ? 
_exptl_crystal.size_min                    ? 
_exptl_crystal.size_rad                    ? 
_exptl_crystal.colour_lustre               ? 
_exptl_crystal.colour_modifier             ? 
_exptl_crystal.colour_primary              ? 
_exptl_crystal.density_meas                ? 
_exptl_crystal.density_meas_esd            ? 
_exptl_crystal.density_meas_gt             ? 
_exptl_crystal.density_meas_lt             ? 
_exptl_crystal.density_meas_temp           ? 
_exptl_crystal.density_meas_temp_esd       ? 
_exptl_crystal.density_meas_temp_gt        ? 
_exptl_crystal.density_meas_temp_lt        ? 
_exptl_crystal.pdbx_crystal_image_url      ? 
_exptl_crystal.pdbx_crystal_image_format   ? 
_exptl_crystal.pdbx_mosaicity              ? 
_exptl_crystal.pdbx_mosaicity_esd          ? 
# 
_exptl_crystal_grow.apparatus       ? 
_exptl_crystal_grow.atmosphere      ? 
_exptl_crystal_grow.crystal_id      1 
_exptl_crystal_grow.details         ? 
_exptl_crystal_grow.method          'VAPOR DIFFUSION, SITTING DROP' 
_exptl_crystal_grow.method_ref      ? 
_exptl_crystal_grow.pH              6.5 
_exptl_crystal_grow.pressure        ? 
_exptl_crystal_grow.pressure_esd    ? 
_exptl_crystal_grow.seeding         ? 
_exptl_crystal_grow.seeding_ref     ? 
_exptl_crystal_grow.temp            293 
_exptl_crystal_grow.temp_details    ? 
_exptl_crystal_grow.temp_esd        ? 
_exptl_crystal_grow.time            ? 
_exptl_crystal_grow.pdbx_details    '0.1 M Bis-tris pH 6.5, 0.3 M ammonium acetate, and 30-40 % ethylene glycol' 
_exptl_crystal_grow.pdbx_pH_range   ? 
# 
_diffrn.ambient_environment    ? 
_diffrn.ambient_temp           100 
_diffrn.ambient_temp_details   ? 
_diffrn.ambient_temp_esd       ? 
_diffrn.crystal_id             1 
_diffrn.crystal_support        ? 
_diffrn.crystal_treatment      ? 
_diffrn.details                ? 
_diffrn.id                     1 
_diffrn.ambient_pressure       ? 
_diffrn.ambient_pressure_esd   ? 
_diffrn.ambient_pressure_gt    ? 
_diffrn.ambient_pressure_lt    ? 
_diffrn.ambient_temp_gt        ? 
_diffrn.ambient_temp_lt        ? 
# 
_diffrn_detector.details                      ? 
_diffrn_detector.detector                     CCD 
_diffrn_detector.diffrn_id                    1 
_diffrn_detector.type                         'ADSC QUANTUM 315' 
_diffrn_detector.area_resol_mean              ? 
_diffrn_detector.dtime                        ? 
_diffrn_detector.pdbx_frames_total            ? 
_diffrn_detector.pdbx_collection_time_total   ? 
_diffrn_detector.pdbx_collection_date         2007-08-13 
# 
_diffrn_radiation.collimation                      ? 
_diffrn_radiation.diffrn_id                        1 
_diffrn_radiation.filter_edge                      ? 
_diffrn_radiation.inhomogeneity                    ? 
_diffrn_radiation.monochromator                    ? 
_diffrn_radiation.polarisn_norm                    ? 
_diffrn_radiation.polarisn_ratio                   ? 
_diffrn_radiation.probe                            ? 
_diffrn_radiation.type                             ? 
_diffrn_radiation.xray_symbol                      ? 
_diffrn_radiation.wavelength_id                    1 
_diffrn_radiation.pdbx_monochromatic_or_laue_m_l   M 
_diffrn_radiation.pdbx_wavelength_list             ? 
_diffrn_radiation.pdbx_wavelength                  ? 
_diffrn_radiation.pdbx_diffrn_protocol             'SINGLE WAVELENGTH' 
_diffrn_radiation.pdbx_analyzer                    ? 
_diffrn_radiation.pdbx_scattering_type             x-ray 
# 
_diffrn_radiation_wavelength.id           1 
_diffrn_radiation_wavelength.wavelength   0.91840 
_diffrn_radiation_wavelength.wt           1.0 
# 
_diffrn_source.current                     ? 
_diffrn_source.details                     ? 
_diffrn_source.diffrn_id                   1 
_diffrn_source.power                       ? 
_diffrn_source.size                        ? 
_diffrn_source.source                      SYNCHROTRON 
_diffrn_source.target                      ? 
_diffrn_source.type                        'APS BEAMLINE 19-ID' 
_diffrn_source.voltage                     ? 
_diffrn_source.take-off_angle              ? 
_diffrn_source.pdbx_wavelength_list        0.91840 
_diffrn_source.pdbx_wavelength             ? 
_diffrn_source.pdbx_synchrotron_beamline   19-ID 
_diffrn_source.pdbx_synchrotron_site       APS 
# 
_reflns.B_iso_Wilson_estimate            8.120 
_reflns.entry_id                         4WBV 
_reflns.data_reduction_details           ? 
_reflns.data_reduction_method            ? 
_reflns.d_resolution_high                1.400 
_reflns.d_resolution_low                 50.000 
_reflns.details                          ? 
_reflns.limit_h_max                      ? 
_reflns.limit_h_min                      ? 
_reflns.limit_k_max                      ? 
_reflns.limit_k_min                      ? 
_reflns.limit_l_max                      ? 
_reflns.limit_l_min                      ? 
_reflns.number_all                       ? 
_reflns.number_obs                       1309 
_reflns.observed_criterion               ? 
_reflns.observed_criterion_F_max         ? 
_reflns.observed_criterion_F_min         ? 
_reflns.observed_criterion_I_max         ? 
_reflns.observed_criterion_I_min         ? 
_reflns.observed_criterion_sigma_F       ? 
_reflns.observed_criterion_sigma_I       ? 
_reflns.percent_possible_obs             84.100 
_reflns.R_free_details                   ? 
_reflns.Rmerge_F_all                     ? 
_reflns.Rmerge_F_obs                     ? 
_reflns.Friedel_coverage                 ? 
_reflns.number_gt                        ? 
_reflns.threshold_expression             ? 
_reflns.pdbx_redundancy                  10.100 
_reflns.pdbx_Rmerge_I_obs                0.057 
_reflns.pdbx_Rmerge_I_all                ? 
_reflns.pdbx_Rsym_value                  ? 
_reflns.pdbx_netI_over_av_sigmaI         23.301 
_reflns.pdbx_netI_over_sigmaI            29.300 
_reflns.pdbx_res_netI_over_av_sigmaI_2   ? 
_reflns.pdbx_res_netI_over_sigmaI_2      ? 
_reflns.pdbx_chi_squared                 1.001 
_reflns.pdbx_scaling_rejects             ? 
_reflns.pdbx_d_res_high_opt              ? 
_reflns.pdbx_d_res_low_opt               ? 
_reflns.pdbx_d_res_opt_method            ? 
_reflns.phase_calculation_details        ? 
_reflns.pdbx_Rrim_I_all                  ? 
_reflns.pdbx_Rpim_I_all                  ? 
_reflns.pdbx_d_opt                       ? 
_reflns.pdbx_number_measured_all         13204 
_reflns.pdbx_diffrn_id                   1 
_reflns.pdbx_ordinal                     1 
_reflns.pdbx_CC_half                     ? 
_reflns.pdbx_R_split                     ? 
# 
loop_
_reflns_shell.d_res_high 
_reflns_shell.d_res_low 
_reflns_shell.meanI_over_sigI_all 
_reflns_shell.meanI_over_sigI_obs 
_reflns_shell.number_measured_all 
_reflns_shell.number_measured_obs 
_reflns_shell.number_possible 
_reflns_shell.number_unique_all 
_reflns_shell.number_unique_obs 
_reflns_shell.percent_possible_all 
_reflns_shell.percent_possible_obs 
_reflns_shell.Rmerge_F_all 
_reflns_shell.Rmerge_F_obs 
_reflns_shell.Rmerge_I_all 
_reflns_shell.Rmerge_I_obs 
_reflns_shell.meanI_over_sigI_gt 
_reflns_shell.meanI_over_uI_all 
_reflns_shell.meanI_over_uI_gt 
_reflns_shell.number_measured_gt 
_reflns_shell.number_unique_gt 
_reflns_shell.percent_possible_gt 
_reflns_shell.Rmerge_F_gt 
_reflns_shell.Rmerge_I_gt 
_reflns_shell.pdbx_redundancy 
_reflns_shell.pdbx_Rsym_value 
_reflns_shell.pdbx_chi_squared 
_reflns_shell.pdbx_netI_over_sigmaI_all 
_reflns_shell.pdbx_netI_over_sigmaI_obs 
_reflns_shell.pdbx_Rrim_I_all 
_reflns_shell.pdbx_Rpim_I_all 
_reflns_shell.pdbx_rejects 
_reflns_shell.pdbx_ordinal 
_reflns_shell.pdbx_diffrn_id 
_reflns_shell.pdbx_CC_half 
_reflns_shell.pdbx_R_split 
1.400 1.450  ? ? ? ? ? 92  ? 61.700 ? ? ? ? 0.133 ? ? ? ? ? ? ? ? 5.500  ? 0.987 ? ? ? ? 0 1  1 ? ? 
1.450 1.510  ? ? ? ? ? 105 ? 66.000 ? ? ? ? 0.128 ? ? ? ? ? ? ? ? 6.300  ? 1.026 ? ? ? ? 0 2  1 ? ? 
1.510 1.580  ? ? ? ? ? 121 ? 75.200 ? ? ? ? 0.088 ? ? ? ? ? ? ? ? 6.500  ? 1.013 ? ? ? ? 0 3  1 ? ? 
1.580 1.660  ? ? ? ? ? 111 ? 79.900 ? ? ? ? 0.088 ? ? ? ? ? ? ? ? 8.000  ? 1.032 ? ? ? ? 0 4  1 ? ? 
1.660 1.760  ? ? ? ? ? 120 ? 82.200 ? ? ? ? 0.104 ? ? ? ? ? ? ? ? 8.800  ? 0.979 ? ? ? ? 0 5  1 ? ? 
1.760 1.900  ? ? ? ? ? 137 ? 87.800 ? ? ? ? 0.073 ? ? ? ? ? ? ? ? 9.800  ? 1.009 ? ? ? ? 0 6  1 ? ? 
1.900 2.090  ? ? ? ? ? 142 ? 95.900 ? ? ? ? 0.051 ? ? ? ? ? ? ? ? 11.900 ? 1.001 ? ? ? ? 0 7  1 ? ? 
2.090 2.390  ? ? ? ? ? 166 ? 98.200 ? ? ? ? 0.049 ? ? ? ? ? ? ? ? 12.600 ? 1.003 ? ? ? ? 0 8  1 ? ? 
2.390 3.020  ? ? ? ? ? 155 ? 97.500 ? ? ? ? 0.053 ? ? ? ? ? ? ? ? 12.900 ? 0.992 ? ? ? ? 0 9  1 ? ? 
3.020 50.000 ? ? ? ? ? 160 ? 93.600 ? ? ? ? 0.053 ? ? ? ? ? ? ? ? 13.500 ? 0.994 ? ? ? ? 0 10 1 ? ? 
# 
_refine.aniso_B[1][1]                            ? 
_refine.aniso_B[1][2]                            ? 
_refine.aniso_B[1][3]                            ? 
_refine.aniso_B[2][2]                            ? 
_refine.aniso_B[2][3]                            ? 
_refine.aniso_B[3][3]                            ? 
_refine.B_iso_max                                46.750 
_refine.B_iso_mean                               14.9284 
_refine.B_iso_min                                5.770 
_refine.correlation_coeff_Fo_to_Fc               ? 
_refine.correlation_coeff_Fo_to_Fc_free          ? 
_refine.details                                  ? 
_refine.diff_density_max                         ? 
_refine.diff_density_max_esd                     ? 
_refine.diff_density_min                         ? 
_refine.diff_density_min_esd                     ? 
_refine.diff_density_rms                         ? 
_refine.diff_density_rms_esd                     ? 
_refine.entry_id                                 4WBV 
_refine.pdbx_refine_id                           'X-RAY DIFFRACTION' 
_refine.ls_abs_structure_details                 ? 
_refine.ls_abs_structure_Flack                   ? 
_refine.ls_abs_structure_Flack_esd               ? 
_refine.ls_abs_structure_Rogers                  ? 
_refine.ls_abs_structure_Rogers_esd              ? 
_refine.ls_d_res_high                            1.400 
_refine.ls_d_res_low                             19.6460 
_refine.ls_extinction_coef                       ? 
_refine.ls_extinction_coef_esd                   ? 
_refine.ls_extinction_expression                 ? 
_refine.ls_extinction_method                     ? 
_refine.ls_goodness_of_fit_all                   ? 
_refine.ls_goodness_of_fit_all_esd               ? 
_refine.ls_goodness_of_fit_obs                   ? 
_refine.ls_goodness_of_fit_obs_esd               ? 
_refine.ls_hydrogen_treatment                    ? 
_refine.ls_matrix_type                           ? 
_refine.ls_number_constraints                    ? 
_refine.ls_number_parameters                     ? 
_refine.ls_number_reflns_all                     ? 
_refine.ls_number_reflns_obs                     1300 
_refine.ls_number_reflns_R_free                  62 
_refine.ls_number_reflns_R_work                  1238 
_refine.ls_number_restraints                     ? 
_refine.ls_percent_reflns_obs                    83.4900 
_refine.ls_percent_reflns_R_free                 4.7700 
_refine.ls_R_factor_all                          ? 
_refine.ls_R_factor_obs                          0.1562 
_refine.ls_R_factor_R_free                       0.2285 
_refine.ls_R_factor_R_free_error                 ? 
_refine.ls_R_factor_R_free_error_details         ? 
_refine.ls_R_factor_R_work                       0.1529 
_refine.ls_R_Fsqd_factor_obs                     ? 
_refine.ls_R_I_factor_obs                        ? 
_refine.ls_redundancy_reflns_all                 ? 
_refine.ls_redundancy_reflns_obs                 ? 
_refine.ls_restrained_S_all                      ? 
_refine.ls_restrained_S_obs                      ? 
_refine.ls_shift_over_esd_max                    ? 
_refine.ls_shift_over_esd_mean                   ? 
_refine.ls_structure_factor_coef                 ? 
_refine.ls_weighting_details                     ? 
_refine.ls_weighting_scheme                      ? 
_refine.ls_wR_factor_all                         ? 
_refine.ls_wR_factor_obs                         ? 
_refine.ls_wR_factor_R_free                      ? 
_refine.ls_wR_factor_R_work                      ? 
_refine.occupancy_max                            ? 
_refine.occupancy_min                            ? 
_refine.solvent_model_details                    'FLAT BULK SOLVENT MODEL' 
_refine.solvent_model_param_bsol                 ? 
_refine.solvent_model_param_ksol                 ? 
_refine.ls_R_factor_gt                           ? 
_refine.ls_goodness_of_fit_gt                    ? 
_refine.ls_goodness_of_fit_ref                   ? 
_refine.ls_shift_over_su_max                     ? 
_refine.ls_shift_over_su_max_lt                  ? 
_refine.ls_shift_over_su_mean                    ? 
_refine.ls_shift_over_su_mean_lt                 ? 
_refine.pdbx_ls_sigma_I                          ? 
_refine.pdbx_ls_sigma_F                          1.440 
_refine.pdbx_ls_sigma_Fsqd                       ? 
_refine.pdbx_data_cutoff_high_absF               ? 
_refine.pdbx_data_cutoff_high_rms_absF           ? 
_refine.pdbx_data_cutoff_low_absF                ? 
_refine.pdbx_isotropic_thermal_model             ? 
_refine.pdbx_ls_cross_valid_method               'FREE R-VALUE' 
_refine.pdbx_method_to_determine_struct          'MOLECULAR REPLACEMENT' 
_refine.pdbx_starting_model                      ? 
_refine.pdbx_stereochemistry_target_values       ML 
_refine.pdbx_R_Free_selection_details            ? 
_refine.pdbx_stereochem_target_val_spec_case     ? 
_refine.pdbx_overall_ESU_R                       ? 
_refine.pdbx_overall_ESU_R_Free                  ? 
_refine.pdbx_solvent_vdw_probe_radii             1.1100 
_refine.pdbx_solvent_ion_probe_radii             ? 
_refine.pdbx_solvent_shrinkage_radii             0.9000 
_refine.pdbx_real_space_R                        ? 
_refine.pdbx_density_correlation                 ? 
_refine.pdbx_pd_number_of_powder_patterns        ? 
_refine.pdbx_pd_number_of_points                 ? 
_refine.pdbx_pd_meas_number_of_points            ? 
_refine.pdbx_pd_proc_ls_prof_R_factor            ? 
_refine.pdbx_pd_proc_ls_prof_wR_factor           ? 
_refine.pdbx_pd_Marquardt_correlation_coeff      ? 
_refine.pdbx_pd_Fsqrd_R_factor                   ? 
_refine.pdbx_pd_ls_matrix_band_width             ? 
_refine.pdbx_overall_phase_error                 25.4600 
_refine.pdbx_overall_SU_R_free_Cruickshank_DPI   ? 
_refine.pdbx_overall_SU_R_free_Blow_DPI          ? 
_refine.pdbx_overall_SU_R_Blow_DPI               ? 
_refine.pdbx_TLS_residual_ADP_flag               ? 
_refine.pdbx_diffrn_id                           1 
_refine.overall_SU_B                             ? 
_refine.overall_SU_ML                            0.1300 
_refine.overall_SU_R_Cruickshank_DPI             ? 
_refine.overall_SU_R_free                        ? 
_refine.overall_FOM_free_R_set                   ? 
_refine.overall_FOM_work_R_set                   ? 
# 
_refine_hist.cycle_id                         final 
_refine_hist.pdbx_refine_id                   'X-RAY DIFFRACTION' 
_refine_hist.d_res_high                       1.400 
_refine_hist.d_res_low                        19.6460 
_refine_hist.pdbx_number_atoms_ligand         0 
_refine_hist.number_atoms_solvent             5 
_refine_hist.number_atoms_total               89 
_refine_hist.pdbx_number_residues_total       12 
_refine_hist.pdbx_B_iso_mean_solvent          38.19 
_refine_hist.pdbx_number_atoms_protein        84 
_refine_hist.pdbx_number_atoms_nucleic_acid   0 
# 
loop_
_refine_ls_restr.pdbx_refine_id 
_refine_ls_restr.criterion 
_refine_ls_restr.dev_ideal 
_refine_ls_restr.dev_ideal_target 
_refine_ls_restr.number 
_refine_ls_restr.rejects 
_refine_ls_restr.type 
_refine_ls_restr.weight 
_refine_ls_restr.pdbx_restraint_function 
'X-RAY DIFFRACTION' ? 0.006  ? 95  ? f_bond_d           ? ? 
'X-RAY DIFFRACTION' ? 1.259  ? 131 ? f_angle_d          ? ? 
'X-RAY DIFFRACTION' ? 0.051  ? 16  ? f_chiral_restr     ? ? 
'X-RAY DIFFRACTION' ? 0.003  ? 16  ? f_plane_restr      ? ? 
'X-RAY DIFFRACTION' ? 10.010 ? 33  ? f_dihedral_angle_d ? ? 
# 
_refine_ls_shell.pdbx_refine_id                   'X-RAY DIFFRACTION' 
_refine_ls_shell.d_res_high                       1.3992 
_refine_ls_shell.d_res_low                        19.6484 
_refine_ls_shell.number_reflns_all                1300 
_refine_ls_shell.number_reflns_obs                ? 
_refine_ls_shell.number_reflns_R_free             62 
_refine_ls_shell.number_reflns_R_work             1238 
_refine_ls_shell.percent_reflns_obs               83.0000 
_refine_ls_shell.percent_reflns_R_free            ? 
_refine_ls_shell.R_factor_all                     ? 
_refine_ls_shell.R_factor_obs                     ? 
_refine_ls_shell.R_factor_R_free                  0.2285 
_refine_ls_shell.R_factor_R_free_error            ? 
_refine_ls_shell.R_factor_R_work                  0.1529 
_refine_ls_shell.redundancy_reflns_all            ? 
_refine_ls_shell.redundancy_reflns_obs            ? 
_refine_ls_shell.wR_factor_all                    ? 
_refine_ls_shell.wR_factor_obs                    ? 
_refine_ls_shell.wR_factor_R_free                 ? 
_refine_ls_shell.wR_factor_R_work                 ? 
_refine_ls_shell.pdbx_total_number_of_bins_used   1 
_refine_ls_shell.pdbx_phase_error                 ? 
# 
_struct.entry_id                     4WBV 
_struct.title                        'Crystal structure of a prion peptide' 
_struct.pdbx_model_details           ? 
_struct.pdbx_formula_weight          ? 
_struct.pdbx_formula_weight_method   ? 
_struct.pdbx_model_type_details      ? 
_struct.pdbx_CASP_flag               ? 
# 
_struct_keywords.entry_id        4WBV 
_struct_keywords.text            'membrane protein, prion peptide, de novo protein' 
_struct_keywords.pdbx_keywords   'de novo protein, membrane protein' 
# 
loop_
_struct_asym.id 
_struct_asym.pdbx_blank_PDB_chainid_flag 
_struct_asym.pdbx_modified 
_struct_asym.entity_id 
_struct_asym.details 
A N N 1 ? 
B N N 1 ? 
C N N 2 ? 
D N N 2 ? 
# 
_struct_ref.id                         1 
_struct_ref.db_name                    PDB 
_struct_ref.db_code                    4WBV 
_struct_ref.pdbx_db_accession          4WBV 
_struct_ref.pdbx_db_isoform            ? 
_struct_ref.entity_id                  1 
_struct_ref.pdbx_seq_one_letter_code   ? 
_struct_ref.pdbx_align_begin           1 
# 
loop_
_struct_ref_seq.align_id 
_struct_ref_seq.ref_id 
_struct_ref_seq.pdbx_PDB_id_code 
_struct_ref_seq.pdbx_strand_id 
_struct_ref_seq.seq_align_beg 
_struct_ref_seq.pdbx_seq_align_beg_ins_code 
_struct_ref_seq.seq_align_end 
_struct_ref_seq.pdbx_seq_align_end_ins_code 
_struct_ref_seq.pdbx_db_accession 
_struct_ref_seq.db_align_beg 
_struct_ref_seq.pdbx_db_align_beg_ins_code 
_struct_ref_seq.db_align_end 
_struct_ref_seq.pdbx_db_align_end_ins_code 
_struct_ref_seq.pdbx_auth_seq_align_beg 
_struct_ref_seq.pdbx_auth_seq_align_end 
1 1 4WBV A 1 ? 6 ? 4WBV 127 ? 132 ? 127 132 
2 1 4WBV B 1 ? 6 ? 4WBV 127 ? 132 ? 127 132 
# 
_pdbx_struct_assembly.id                   1 
_pdbx_struct_assembly.details              author_defined_assembly 
_pdbx_struct_assembly.method_details       ? 
_pdbx_struct_assembly.oligomeric_details   octameric 
_pdbx_struct_assembly.oligomeric_count     8 
# 
_pdbx_struct_assembly_gen.assembly_id       1 
_pdbx_struct_assembly_gen.oper_expression   1,2,3,4 
_pdbx_struct_assembly_gen.asym_id_list      A,B,C,D 
# 
loop_
_pdbx_struct_oper_list.id 
_pdbx_struct_oper_list.type 
_pdbx_struct_oper_list.name 
_pdbx_struct_oper_list.symmetry_operation 
_pdbx_struct_oper_list.matrix[1][1] 
_pdbx_struct_oper_list.matrix[1][2] 
_pdbx_struct_oper_list.matrix[1][3] 
_pdbx_struct_oper_list.vector[1] 
_pdbx_struct_oper_list.matrix[2][1] 
_pdbx_struct_oper_list.matrix[2][2] 
_pdbx_struct_oper_list.matrix[2][3] 
_pdbx_struct_oper_list.vector[2] 
_pdbx_struct_oper_list.matrix[3][1] 
_pdbx_struct_oper_list.matrix[3][2] 
_pdbx_struct_oper_list.matrix[3][3] 
_pdbx_struct_oper_list.vector[3] 
1 'identity operation'         1_555 x,y,z     1.0000000000 0.0000000000 0.0000000000 0.0000000000   0.0000000000 1.0000000000 0.0000000000 0.0000000000  0.0000000000 0.0000000000 1.0000000000 0.0000000000 
2 'crystal symmetry operation' 1_556 x,y,z+1   1.0000000000 0.0000000000 0.0000000000 -12.6035334115 0.0000000000 1.0000000000 0.0000000000 15.1023186685 0.0000000000 0.0000000000 1.0000000000 0.2418685169 
3 'crystal symmetry operation' 1_546 x,y-1,z+1 1.0000000000 0.0000000000 0.0000000000 -5.3438906387  0.0000000000 1.0000000000 0.0000000000 21.1548792539 0.0000000000 0.0000000000 1.0000000000 0.6117038455 
4 'crystal symmetry operation' 1_545 x,y-1,z   1.0000000000 0.0000000000 0.0000000000 7.2596427729   0.0000000000 1.0000000000 0.0000000000 6.0525605854  0.0000000000 0.0000000000 1.0000000000 0.3698353286  
# 
_struct_biol.details                      
;BIOLOGICAL UNIT DISPLAYS ONLY A PORTION OF THE CRYSTAL LATTICE TO DEMONSTRATE THE CRYSTAL PACKING CONTENT. THE CRYSTAL PACKING IS FORMED BY A REPETITION IN BOTH DIRECTIONS OF THE PORTION INDICATED IN REMARK 350.
;
_struct_biol.id                           1 
_struct_biol.pdbx_parent_biol_id          ? 
_struct_biol.pdbx_formula_weight          ? 
_struct_biol.pdbx_formula_weight_method   ? 
_struct_biol.pdbx_aggregation_state       ? 
_struct_biol.pdbx_assembly_method         ? 
# 
loop_
_chem_comp_atom.comp_id 
_chem_comp_atom.atom_id 
_chem_comp_atom.type_symbol 
_chem_comp_atom.pdbx_aromatic_flag 
_chem_comp_atom.pdbx_stereo_config 
_chem_comp_atom.pdbx_ordinal 
GLY N    N N N 1  
GLY CA   C N N 2  
GLY C    C N N 3  
GLY O    O N N 4  
GLY OXT  O N N 5  
GLY H    H N N 6  
GLY H2   H N N 7  
GLY HA2  H N N 8  
GLY HA3  H N N 9  
GLY HXT  H N N 10 
HOH O    O N N 11 
HOH H1   H N N 12 
HOH H2   H N N 13 
LEU N    N N N 14 
LEU CA   C N S 15 
LEU C    C N N 16 
LEU O    O N N 17 
LEU CB   C N N 18 
LEU CG   C N N 19 
LEU CD1  C N N 20 
LEU CD2  C N N 21 
LEU OXT  O N N 22 
LEU H    H N N 23 
LEU H2   H N N 24 
LEU HA   H N N 25 
LEU HB2  H N N 26 
LEU HB3  H N N 27 
LEU HG   H N N 28 
LEU HD11 H N N 29 
LEU HD12 H N N 30 
LEU HD13 H N N 31 
LEU HD21 H N N 32 
LEU HD22 H N N 33 
LEU HD23 H N N 34 
LEU HXT  H N N 35 
SER N    N N N 36 
SER CA   C N S 37 
SER C    C N N 38 
SER O    O N N 39 
SER CB   C N N 40 
SER OG   O N N 41 
SER OXT  O N N 42 
SER H    H N N 43 
SER H2   H N N 44 
SER HA   H N N 45 
SER HB2  H N N 46 
SER HB3  H N N 47 
SER HG   H N N 48 
SER HXT  H N N 49 
TYR N    N N N 50 
TYR CA   C N S 51 
TYR C    C N N 52 
TYR O    O N N 53 
TYR CB   C N N 54 
TYR CG   C Y N 55 
TYR CD1  C Y N 56 
TYR CD2  C Y N 57 
TYR CE1  C Y N 58 
TYR CE2  C Y N 59 
TYR CZ   C Y N 60 
TYR OH   O N N 61 
TYR OXT  O N N 62 
TYR H    H N N 63 
TYR H2   H N N 64 
TYR HA   H N N 65 
TYR HB2  H N N 66 
TYR HB3  H N N 67 
TYR HD1  H N N 68 
TYR HD2  H N N 69 
TYR HE1  H N N 70 
TYR HE2  H N N 71 
TYR HH   H N N 72 
TYR HXT  H N N 73 
VAL N    N N N 74 
VAL CA   C N S 75 
VAL C    C N N 76 
VAL O    O N N 77 
VAL CB   C N N 78 
VAL CG1  C N N 79 
VAL CG2  C N N 80 
VAL OXT  O N N 81 
VAL H    H N N 82 
VAL H2   H N N 83 
VAL HA   H N N 84 
VAL HB   H N N 85 
VAL HG11 H N N 86 
VAL HG12 H N N 87 
VAL HG13 H N N 88 
VAL HG21 H N N 89 
VAL HG22 H N N 90 
VAL HG23 H N N 91 
VAL HXT  H N N 92 
# 
loop_
_chem_comp_bond.comp_id 
_chem_comp_bond.atom_id_1 
_chem_comp_bond.atom_id_2 
_chem_comp_bond.value_order 
_chem_comp_bond.pdbx_aromatic_flag 
_chem_comp_bond.pdbx_stereo_config 
_chem_comp_bond.pdbx_ordinal 
GLY N   CA   sing N N 1  
GLY N   H    sing N N 2  
GLY N   H2   sing N N 3  
GLY CA  C    sing N N 4  
GLY CA  HA2  sing N N 5  
GLY CA  HA3  sing N N 6  
GLY C   O    doub N N 7  
GLY C   OXT  sing N N 8  
GLY OXT HXT  sing N N 9  
HOH O   H1   sing N N 10 
HOH O   H2   sing N N 11 
LEU N   CA   sing N N 12 
LEU N   H    sing N N 13 
LEU N   H2   sing N N 14 
LEU CA  C    sing N N 15 
LEU CA  CB   sing N N 16 
LEU CA  HA   sing N N 17 
LEU C   O    doub N N 18 
LEU C   OXT  sing N N 19 
LEU CB  CG   sing N N 20 
LEU CB  HB2  sing N N 21 
LEU CB  HB3  sing N N 22 
LEU CG  CD1  sing N N 23 
LEU CG  CD2  sing N N 24 
LEU CG  HG   sing N N 25 
LEU CD1 HD11 sing N N 26 
LEU CD1 HD12 sing N N 27 
LEU CD1 HD13 sing N N 28 
LEU CD2 HD21 sing N N 29 
LEU CD2 HD22 sing N N 30 
LEU CD2 HD23 sing N N 31 
LEU OXT HXT  sing N N 32 
SER N   CA   sing N N 33 
SER N   H    sing N N 34 
SER N   H2   sing N N 35 
SER CA  C    sing N N 36 
SER CA  CB   sing N N 37 
SER CA  HA   sing N N 38 
SER C   O    doub N N 39 
SER C   OXT  sing N N 40 
SER CB  OG   sing N N 41 
SER CB  HB2  sing N N 42 
SER CB  HB3  sing N N 43 
SER OG  HG   sing N N 44 
SER OXT HXT  sing N N 45 
TYR N   CA   sing N N 46 
TYR N   H    sing N N 47 
TYR N   H2   sing N N 48 
TYR CA  C    sing N N 49 
TYR CA  CB   sing N N 50 
TYR CA  HA   sing N N 51 
TYR C   O    doub N N 52 
TYR C   OXT  sing N N 53 
TYR CB  CG   sing N N 54 
TYR CB  HB2  sing N N 55 
TYR CB  HB3  sing N N 56 
TYR CG  CD1  doub Y N 57 
TYR CG  CD2  sing Y N 58 
TYR CD1 CE1  sing Y N 59 
TYR CD1 HD1  sing N N 60 
TYR CD2 CE2  doub Y N 61 
TYR CD2 HD2  sing N N 62 
TYR CE1 CZ   doub Y N 63 
TYR CE1 HE1  sing N N 64 
TYR CE2 CZ   sing Y N 65 
TYR CE2 HE2  sing N N 66 
TYR CZ  OH   sing N N 67 
TYR OH  HH   sing N N 68 
TYR OXT HXT  sing N N 69 
VAL N   CA   sing N N 70 
VAL N   H    sing N N 71 
VAL N   H2   sing N N 72 
VAL CA  C    sing N N 73 
VAL CA  CB   sing N N 74 
VAL CA  HA   sing N N 75 
VAL C   O    doub N N 76 
VAL C   OXT  sing N N 77 
VAL CB  CG1  sing N N 78 
VAL CB  CG2  sing N N 79 
VAL CB  HB   sing N N 80 
VAL CG1 HG11 sing N N 81 
VAL CG1 HG12 sing N N 82 
VAL CG1 HG13 sing N N 83 
VAL CG2 HG21 sing N N 84 
VAL CG2 HG22 sing N N 85 
VAL CG2 HG23 sing N N 86 
VAL OXT HXT  sing N N 87 
# 
_atom_sites.entry_id                    4WBV 
_atom_sites.fract_transf_matrix[1][1]   0.00113054 
_atom_sites.fract_transf_matrix[1][2]   0.00176013 
_atom_sites.fract_transf_matrix[1][3]   -0.05099738 
_atom_sites.fract_transf_matrix[2][1]   -0.08113777 
_atom_sites.fract_transf_matrix[2][2]   -0.06764675 
_atom_sites.fract_transf_matrix[2][3]   -0.00413348 
_atom_sites.fract_transf_matrix[3][1]   -0.03251104 
_atom_sites.fract_transf_matrix[3][2]   0.03911494 
_atom_sites.fract_transf_matrix[3][3]   -0.00196574 
_atom_sites.fract_transf_vector[1]      0.511307 
_atom_sites.fract_transf_vector[2]      0.863958 
_atom_sites.fract_transf_vector[3]      0.266891 
# 
loop_
_atom_type.symbol 
C 
N 
O 
# 
loop_
_atom_site.group_PDB 
_atom_site.id 
_atom_site.type_symbol 
_atom_site.label_atom_id 
_atom_site.label_alt_id 
_atom_site.label_comp_id 
_atom_site.label_asym_id 
_atom_site.label_entity_id 
_atom_site.label_seq_id 
_atom_site.pdbx_PDB_ins_code 
_atom_site.Cartn_x 
_atom_site.Cartn_y 
_atom_site.Cartn_z 
_atom_site.occupancy 
_atom_site.B_iso_or_equiv 
_atom_site.pdbx_formal_charge 
_atom_site.auth_seq_id 
_atom_site.auth_comp_id 
_atom_site.auth_asym_id 
_atom_site.auth_atom_id 
_atom_site.pdbx_PDB_model_num 
ATOM   1  N N   . GLY A 1 1 ? 6.023  -10.010 7.285   1.00 12.75 ? 127 GLY A N   1 
ATOM   2  C CA  . GLY A 1 1 ? 6.220  -8.884  6.388   1.00 10.96 ? 127 GLY A CA  1 
ATOM   3  C C   . GLY A 1 1 ? 4.978  -8.566  5.592   1.00 8.89  ? 127 GLY A C   1 
ATOM   4  O O   . GLY A 1 1 ? 3.942  -9.223  5.732   1.00 9.92  ? 127 GLY A O   1 
ATOM   5  N N   . TYR A 1 2 ? 5.080  -7.561  4.737   1.00 8.45  ? 128 TYR A N   1 
ATOM   6  C CA  . TYR A 1 2 ? 3.922  -7.151  3.961   1.00 8.43  ? 128 TYR A CA  1 
ATOM   7  C C   . TYR A 1 2 ? 4.325  -6.451  2.674   1.00 7.95  ? 128 TYR A C   1 
ATOM   8  O O   . TYR A 1 2 ? 5.429  -5.920  2.545   1.00 6.37  ? 128 TYR A O   1 
ATOM   9  C CB  . TYR A 1 2 ? 3.007  -6.248  4.796   1.00 11.64 ? 128 TYR A CB  1 
ATOM   10 C CG  . TYR A 1 2 ? 3.719  -5.062  5.396   1.00 12.85 ? 128 TYR A CG  1 
ATOM   11 C CD1 . TYR A 1 2 ? 4.218  -5.107  6.694   1.00 13.74 ? 128 TYR A CD1 1 
ATOM   12 C CD2 . TYR A 1 2 ? 3.903  -3.898  4.663   1.00 13.88 ? 128 TYR A CD2 1 
ATOM   13 C CE1 . TYR A 1 2 ? 4.867  -4.025  7.242   1.00 16.34 ? 128 TYR A CE1 1 
ATOM   14 C CE2 . TYR A 1 2 ? 4.553  -2.812  5.207   1.00 15.23 ? 128 TYR A CE2 1 
ATOM   15 C CZ  . TYR A 1 2 ? 5.031  -2.879  6.493   1.00 18.97 ? 128 TYR A CZ  1 
ATOM   16 O OH  . TYR A 1 2 ? 5.681  -1.786  7.023   1.00 23.45 ? 128 TYR A OH  1 
ATOM   17 N N   . VAL A 1 3 ? 3.396  -6.492  1.727   1.00 7.78  ? 129 VAL A N   1 
ATOM   18 C CA  . VAL A 1 3 ? 3.521  -5.873  0.419   1.00 7.23  ? 129 VAL A CA  1 
ATOM   19 C C   . VAL A 1 3 ? 2.201  -5.183  0.083   1.00 7.91  ? 129 VAL A C   1 
ATOM   20 O O   . VAL A 1 3 ? 1.148  -5.808  0.167   1.00 8.05  ? 129 VAL A O   1 
ATOM   21 C CB  . VAL A 1 3 ? 3.826  -6.922  -0.670  1.00 10.08 ? 129 VAL A CB  1 
ATOM   22 C CG1 . VAL A 1 3 ? 3.792  -6.298  -2.052  1.00 13.15 ? 129 VAL A CG1 1 
ATOM   23 C CG2 . VAL A 1 3 ? 5.152  -7.594  -0.401  1.00 9.68  ? 129 VAL A CG2 1 
ATOM   24 N N   . LEU A 1 4 ? 2.250  -3.902  -0.275  1.00 7.61  ? 130 LEU A N   1 
ATOM   25 C CA  A LEU A 1 4 ? 1.065  -3.226  -0.789  0.74 6.95  ? 130 LEU A CA  1 
ATOM   26 C CA  B LEU A 1 4 ? 1.078  -3.193  -0.771  0.26 7.67  ? 130 LEU A CA  1 
ATOM   27 C C   . LEU A 1 4 ? 1.416  -2.603  -2.129  1.00 8.21  ? 130 LEU A C   1 
ATOM   28 O O   . LEU A 1 4 ? 2.513  -2.067  -2.311  1.00 9.40  ? 130 LEU A O   1 
ATOM   29 C CB  A LEU A 1 4 ? 0.535  -2.152  0.180   0.74 6.59  ? 130 LEU A CB  1 
ATOM   30 C CB  B LEU A 1 4 ? 0.652  -2.086  0.193   0.26 7.71  ? 130 LEU A CB  1 
ATOM   31 C CG  A LEU A 1 4 ? 0.099  -2.598  1.576   0.74 6.73  ? 130 LEU A CG  1 
ATOM   32 C CG  B LEU A 1 4 ? 0.678  -2.446  1.676   0.26 7.69  ? 130 LEU A CG  1 
ATOM   33 C CD1 A LEU A 1 4 ? 1.287  -2.646  2.520   0.74 9.97  ? 130 LEU A CD1 1 
ATOM   34 C CD1 B LEU A 1 4 ? 0.455  -1.215  2.517   0.26 8.18  ? 130 LEU A CD1 1 
ATOM   35 C CD2 A LEU A 1 4 ? -0.961 -1.677  2.113   0.74 8.10  ? 130 LEU A CD2 1 
ATOM   36 C CD2 B LEU A 1 4 ? -0.364 -3.491  1.983   0.26 8.20  ? 130 LEU A CD2 1 
ATOM   37 N N   . GLY A 1 5 ? 0.492  -2.688  -3.078  1.00 6.96  ? 131 GLY A N   1 
ATOM   38 C CA  . GLY A 1 5 ? 0.747  -2.111  -4.383  1.00 7.70  ? 131 GLY A CA  1 
ATOM   39 C C   . GLY A 1 5 ? -0.505 -1.560  -5.021  1.00 8.24  ? 131 GLY A C   1 
ATOM   40 O O   . GLY A 1 5 ? -1.584 -2.133  -4.872  1.00 7.67  ? 131 GLY A O   1 
ATOM   41 N N   . SER A 1 6 ? -0.355 -0.454  -5.740  1.00 11.00 ? 132 SER A N   1 
ATOM   42 C CA  . SER A 1 6 ? -1.468 0.147   -6.457  1.00 17.40 ? 132 SER A CA  1 
ATOM   43 C C   . SER A 1 6 ? -0.976 0.899   -7.680  1.00 22.93 ? 132 SER A C   1 
ATOM   44 O O   . SER A 1 6 ? 0.223  0.963   -7.944  1.00 21.33 ? 132 SER A O   1 
ATOM   45 C CB  . SER A 1 6 ? -2.248 1.091   -5.545  1.00 23.61 ? 132 SER A CB  1 
ATOM   46 O OG  . SER A 1 6 ? -3.279 1.746   -6.259  1.00 28.46 ? 132 SER A OG  1 
ATOM   47 O OXT . SER A 1 6 ? -1.783 1.469   -8.424  1.00 27.39 ? 132 SER A OXT 1 
ATOM   48 N N   . GLY B 1 1 ? -0.439 2.474   9.460   1.00 16.75 ? 127 GLY B N   1 
ATOM   49 C CA  . GLY B 1 1 ? -1.150 2.040   8.274   1.00 11.86 ? 127 GLY B CA  1 
ATOM   50 C C   . GLY B 1 1 ? -0.651 2.749   7.042   1.00 8.71  ? 127 GLY B C   1 
ATOM   51 O O   . GLY B 1 1 ? 0.254  3.576   7.113   1.00 11.20 ? 127 GLY B O   1 
ATOM   52 N N   . TYR B 1 2 ? -1.253 2.425   5.908   1.00 6.48  ? 128 TYR B N   1 
ATOM   53 C CA  . TYR B 1 2 ? -0.818 2.962   4.637   1.00 6.09  ? 128 TYR B CA  1 
ATOM   54 C C   . TYR B 1 2 ? -2.006 3.340   3.766   1.00 6.32  ? 128 TYR B C   1 
ATOM   55 O O   . TYR B 1 2 ? -3.091 2.756   3.865   1.00 7.54  ? 128 TYR B O   1 
ATOM   56 C CB  . TYR B 1 2 ? 0.051  1.951   3.880   1.00 9.57  ? 128 TYR B CB  1 
ATOM   57 C CG  . TYR B 1 2 ? 1.368  1.630   4.538   1.00 15.11 ? 128 TYR B CG  1 
ATOM   58 C CD1 . TYR B 1 2 ? 2.506  2.377   4.265   1.00 14.65 ? 128 TYR B CD1 1 
ATOM   59 C CD2 . TYR B 1 2 ? 1.476  0.570   5.432   1.00 16.21 ? 128 TYR B CD2 1 
ATOM   60 C CE1 . TYR B 1 2 ? 3.716  2.086   4.874   1.00 15.93 ? 128 TYR B CE1 1 
ATOM   61 C CE2 . TYR B 1 2 ? 2.688  0.261   6.045   1.00 17.38 ? 128 TYR B CE2 1 
ATOM   62 C CZ  . TYR B 1 2 ? 3.806  1.023   5.762   1.00 18.20 ? 128 TYR B CZ  1 
ATOM   63 O OH  . TYR B 1 2 ? 5.013  0.724   6.369   1.00 18.78 ? 128 TYR B OH  1 
ATOM   64 N N   . VAL B 1 3 ? -1.776 4.324   2.910   1.00 6.44  ? 129 VAL B N   1 
ATOM   65 C CA  A VAL B 1 3 ? -2.716 4.734   1.881   0.87 6.72  ? 129 VAL B CA  1 
ATOM   66 C CA  B VAL B 1 3 ? -2.725 4.639   1.857   0.13 6.91  ? 129 VAL B CA  1 
ATOM   67 C C   . VAL B 1 3 ? -1.944 4.876   0.573   1.00 7.82  ? 129 VAL B C   1 
ATOM   68 O O   . VAL B 1 3 ? -0.947 5.605   0.537   1.00 8.03  ? 129 VAL B O   1 
ATOM   69 C CB  A VAL B 1 3 ? -3.380 6.069   2.238   0.87 8.19  ? 129 VAL B CB  1 
ATOM   70 C CB  B VAL B 1 3 ? -3.625 5.856   2.199   0.13 6.54  ? 129 VAL B CB  1 
ATOM   71 C CG1 A VAL B 1 3 ? -4.272 6.544   1.109   0.87 7.76  ? 129 VAL B CG1 1 
ATOM   72 C CG1 B VAL B 1 3 ? -4.578 5.514   3.335   0.13 6.96  ? 129 VAL B CG1 1 
ATOM   73 C CG2 A VAL B 1 3 ? -4.145 5.936   3.537   0.87 9.21  ? 129 VAL B CG2 1 
ATOM   74 C CG2 B VAL B 1 3 ? -2.800 7.061   2.563   0.13 5.77  ? 129 VAL B CG2 1 
ATOM   75 N N   . LEU B 1 4 ? -2.384 4.197   -0.480  1.00 6.36  ? 130 LEU B N   1 
ATOM   76 C CA  . LEU B 1 4 ? -1.732 4.277   -1.777  1.00 8.23  ? 130 LEU B CA  1 
ATOM   77 C C   . LEU B 1 4 ? -2.783 4.594   -2.819  1.00 10.45 ? 130 LEU B C   1 
ATOM   78 O O   . LEU B 1 4 ? -3.866 4.004   -2.808  1.00 9.26  ? 130 LEU B O   1 
ATOM   79 C CB  . LEU B 1 4 ? -1.034 2.962   -2.152  1.00 11.48 ? 130 LEU B CB  1 
ATOM   80 C CG  . LEU B 1 4 ? 0.117  2.355   -1.357  1.00 11.79 ? 130 LEU B CG  1 
ATOM   81 C CD1 . LEU B 1 4 ? -0.365 1.756   -0.062  1.00 10.11 ? 130 LEU B CD1 1 
ATOM   82 C CD2 . LEU B 1 4 ? 0.798  1.282   -2.199  1.00 12.63 ? 130 LEU B CD2 1 
ATOM   83 N N   . GLY B 1 5 ? -2.463 5.503   -3.729  1.00 11.30 ? 131 GLY B N   1 
ATOM   84 C CA  . GLY B 1 5 ? -3.396 5.844   -4.777  1.00 15.66 ? 131 GLY B CA  1 
ATOM   85 C C   . GLY B 1 5 ? -2.665 6.154   -6.047  1.00 19.26 ? 131 GLY B C   1 
ATOM   86 O O   . GLY B 1 5 ? -1.677 6.882   -6.020  1.00 20.32 ? 131 GLY B O   1 
ATOM   87 N N   . SER B 1 6 ? -3.146 5.588   -7.151  1.00 22.16 ? 132 SER B N   1 
ATOM   88 C CA  . SER B 1 6 ? -2.549 5.794   -8.465  1.00 29.07 ? 132 SER B CA  1 
ATOM   89 C C   . SER B 1 6 ? -3.610 5.726   -9.538  1.00 31.99 ? 132 SER B C   1 
ATOM   90 O O   . SER B 1 6 ? -4.805 5.698   -9.261  1.00 30.59 ? 132 SER B O   1 
ATOM   91 C CB  . SER B 1 6 ? -1.457 4.759   -8.762  1.00 33.39 ? 132 SER B CB  1 
ATOM   92 O OG  . SER B 1 6 ? -0.250 5.086   -8.098  1.00 35.77 ? 132 SER B OG  1 
ATOM   93 O OXT . SER B 1 6 ? -3.279 5.716   -10.717 1.00 36.87 ? 132 SER B OXT 1 
HETATM 94 O O   . HOH C 2 . ? 7.515  -11.758 6.062   1.00 35.27 ? 201 HOH A O   1 
HETATM 95 O O   . HOH C 2 . ? 1.918  -8.686  8.432   1.00 31.81 ? 202 HOH A O   1 
HETATM 96 O O   . HOH C 2 . ? 3.768  -7.950  9.461   1.00 32.67 ? 203 HOH A O   1 
HETATM 97 O O   . HOH D 2 . ? -6.249 7.092   -8.060  1.00 44.47 ? 201 HOH B O   1 
HETATM 98 O O   . HOH D 2 . ? -4.802 8.252   -10.050 1.00 46.75 ? 202 HOH B O   1 
# 
loop_
_atom_site_anisotrop.id 
_atom_site_anisotrop.type_symbol 
_atom_site_anisotrop.pdbx_label_atom_id 
_atom_site_anisotrop.pdbx_label_alt_id 
_atom_site_anisotrop.pdbx_label_comp_id 
_atom_site_anisotrop.pdbx_label_asym_id 
_atom_site_anisotrop.pdbx_label_seq_id 
_atom_site_anisotrop.pdbx_PDB_ins_code 
_atom_site_anisotrop.U[1][1] 
_atom_site_anisotrop.U[2][2] 
_atom_site_anisotrop.U[3][3] 
_atom_site_anisotrop.U[1][2] 
_atom_site_anisotrop.U[1][3] 
_atom_site_anisotrop.U[2][3] 
_atom_site_anisotrop.pdbx_auth_seq_id 
_atom_site_anisotrop.pdbx_auth_comp_id 
_atom_site_anisotrop.pdbx_auth_asym_id 
_atom_site_anisotrop.pdbx_auth_atom_id 
1  N N   . GLY A 1 ? 0.1880 0.1630 0.1333 0.0052  -0.0674 0.0566  127 GLY A N   
2  C CA  . GLY A 1 ? 0.1475 0.1695 0.0993 -0.0007 -0.0305 0.0651  127 GLY A CA  
3  C C   . GLY A 1 ? 0.1590 0.0982 0.0806 -0.0162 0.0050  0.0459  127 GLY A C   
4  O O   . GLY A 1 ? 0.1870 0.1213 0.0687 -0.0391 0.0048  0.0303  127 GLY A O   
5  N N   . TYR A 2 ? 0.1721 0.0770 0.0721 -0.0017 -0.0108 0.0307  128 TYR A N   
6  C CA  . TYR A 2 ? 0.1460 0.0772 0.0971 0.0364  0.0018  0.0341  128 TYR A CA  
7  C C   . TYR A 2 ? 0.1373 0.0710 0.0940 0.0474  0.0026  0.0200  128 TYR A C   
8  O O   . TYR A 2 ? 0.0771 0.0674 0.0975 0.0411  0.0117  -0.0049 128 TYR A O   
9  C CB  . TYR A 2 ? 0.1373 0.1612 0.1436 0.0781  0.0334  -0.0114 128 TYR A CB  
10 C CG  . TYR A 2 ? 0.1764 0.1531 0.1587 0.0752  0.0408  -0.0342 128 TYR A CG  
11 C CD1 . TYR A 2 ? 0.2513 0.1233 0.1473 0.0660  0.0278  -0.0330 128 TYR A CD1 
12 C CD2 . TYR A 2 ? 0.2100 0.1402 0.1774 0.0736  0.0328  -0.0477 128 TYR A CD2 
13 C CE1 . TYR A 2 ? 0.3480 0.1265 0.1463 0.0383  -0.0019 -0.0384 128 TYR A CE1 
14 C CE2 . TYR A 2 ? 0.2817 0.1197 0.1774 0.0459  0.0034  -0.0601 128 TYR A CE2 
15 C CZ  . TYR A 2 ? 0.3849 0.1575 0.1784 0.0493  -0.0336 -0.0649 128 TYR A CZ  
16 O OH  . TYR A 2 ? 0.4586 0.2636 0.1688 0.0598  -0.0649 -0.0756 128 TYR A OH  
17 N N   . VAL A 3 ? 0.1108 0.0937 0.0911 0.0564  -0.0086 0.0144  129 VAL A N   
18 C CA  . VAL A 3 ? 0.0859 0.1023 0.0867 0.0542  -0.0039 0.0105  129 VAL A CA  
19 C C   . VAL A 3 ? 0.0987 0.0910 0.1107 0.0504  -0.0237 0.0084  129 VAL A C   
20 O O   . VAL A 3 ? 0.0660 0.0702 0.1698 0.0229  -0.0064 0.0166  129 VAL A O   
21 C CB  . VAL A 3 ? 0.1402 0.1700 0.0729 0.0901  0.0192  0.0183  129 VAL A CB  
22 C CG1 . VAL A 3 ? 0.2067 0.2000 0.0929 0.1194  0.0319  0.0327  129 VAL A CG1 
23 C CG2 . VAL A 3 ? 0.1619 0.1330 0.0728 0.0867  0.0001  -0.0040 129 VAL A CG2 
24 N N   . LEU A 4 ? 0.1130 0.0750 0.1013 0.0427  -0.0186 -0.0011 130 LEU A N   
25 C CA  A LEU A 4 ? 0.0857 0.0810 0.0973 0.0491  0.0110  0.0050  130 LEU A CA  
26 C CA  B LEU A 4 ? 0.1070 0.0867 0.0975 0.0440  0.0102  0.0088  130 LEU A CA  
27 C C   . LEU A 4 ? 0.1091 0.0974 0.1052 0.0563  0.0056  0.0099  130 LEU A C   
28 O O   . LEU A 4 ? 0.1401 0.0708 0.1461 0.0287  -0.0105 0.0241  130 LEU A O   
29 C CB  A LEU A 4 ? 0.0672 0.0874 0.0957 0.0357  0.0173  -0.0039 130 LEU A CB  
30 C CB  B LEU A 4 ? 0.1069 0.0948 0.0913 0.0270  0.0398  0.0186  130 LEU A CB  
31 C CG  A LEU A 4 ? 0.0716 0.1101 0.0741 0.0431  0.0141  -0.0130 130 LEU A CG  
32 C CG  B LEU A 4 ? 0.0989 0.1088 0.0847 0.0115  0.0513  0.0217  130 LEU A CG  
33 C CD1 A LEU A 4 ? 0.1728 0.1359 0.0701 0.0652  -0.0025 0.0236  130 LEU A CD1 
34 C CD1 B LEU A 4 ? 0.1226 0.1003 0.0878 0.0143  0.0576  0.0219  130 LEU A CD1 
35 C CD2 A LEU A 4 ? 0.0825 0.1346 0.0906 0.0429  0.0291  -0.0107 130 LEU A CD2 
36 C CD2 B LEU A 4 ? 0.0840 0.1283 0.0992 0.0024  0.0470  0.0305  130 LEU A CD2 
37 N N   . GLY A 5 ? 0.0947 0.0984 0.0716 0.0231  -0.0151 0.0199  131 GLY A N   
38 C CA  . GLY A 5 ? 0.1191 0.1074 0.0660 0.0145  -0.0418 0.0182  131 GLY A CA  
39 C C   . GLY A 5 ? 0.1184 0.1140 0.0805 -0.0072 -0.0252 0.0229  131 GLY A C   
40 O O   . GLY A 5 ? 0.0928 0.1096 0.0892 -0.0264 -0.0101 0.0319  131 GLY A O   
41 N N   . SER A 6 ? 0.1428 0.1529 0.1221 -0.0253 -0.0416 0.0507  132 SER A N   
42 C CA  . SER A 6 ? 0.2668 0.2339 0.1604 0.0002  -0.0470 0.1024  132 SER A CA  
43 C C   . SER A 6 ? 0.3142 0.3566 0.2003 0.0052  -0.0691 0.1280  132 SER A C   
44 O O   . SER A 6 ? 0.2449 0.3738 0.1919 -0.0308 -0.0648 0.1241  132 SER A O   
45 C CB  . SER A 6 ? 0.3861 0.2900 0.2210 0.0666  -0.0843 0.1016  132 SER A CB  
46 O OG  . SER A 6 ? 0.4854 0.3019 0.2941 0.0979  -0.0880 0.0732  132 SER A OG  
47 O OXT . SER A 6 ? 0.4055 0.3921 0.2431 -0.0152 -0.0352 0.1462  132 SER A OXT 
48 N N   . GLY B 1 ? 0.2102 0.3356 0.0906 -0.0625 -0.0004 -0.0065 127 GLY B N   
49 C CA  . GLY B 1 ? 0.1577 0.2242 0.0688 -0.0389 0.0155  0.0224  127 GLY B CA  
50 C C   . GLY B 1 ? 0.1233 0.1364 0.0713 -0.0297 0.0249  0.0060  127 GLY B C   
51 O O   . GLY B 1 ? 0.1879 0.1479 0.0898 -0.0409 0.0207  0.0118  127 GLY B O   
52 N N   . TYR B 2 ? 0.1072 0.0920 0.0468 0.0043  -0.0035 -0.0004 128 TYR B N   
53 C CA  . TYR B 2 ? 0.1073 0.0690 0.0552 0.0220  -0.0272 -0.0092 128 TYR B CA  
54 C C   . TYR B 2 ? 0.1148 0.0591 0.0663 0.0261  0.0057  0.0044  128 TYR B C   
55 O O   . TYR B 2 ? 0.1139 0.0855 0.0871 0.0060  0.0009  0.0162  128 TYR B O   
56 C CB  . TYR B 2 ? 0.1474 0.1376 0.0785 0.0648  -0.0170 -0.0101 128 TYR B CB  
57 C CG  . TYR B 2 ? 0.2499 0.1986 0.1255 0.1164  -0.0101 -0.0399 128 TYR B CG  
58 C CD1 . TYR B 2 ? 0.2286 0.1959 0.1322 0.1013  -0.0149 -0.0569 128 TYR B CD1 
59 C CD2 . TYR B 2 ? 0.2199 0.2229 0.1730 0.1292  -0.0416 -0.0428 128 TYR B CD2 
60 C CE1 . TYR B 2 ? 0.2418 0.1971 0.1663 0.1029  -0.0245 -0.0722 128 TYR B CE1 
61 C CE2 . TYR B 2 ? 0.1873 0.2752 0.1980 0.1146  -0.0706 -0.0529 128 TYR B CE2 
62 C CZ  . TYR B 2 ? 0.2313 0.2583 0.2020 0.1345  -0.0418 -0.0666 128 TYR B CZ  
63 O OH  . TYR B 2 ? 0.2178 0.2754 0.2203 0.1384  -0.0482 -0.0645 128 TYR B OH  
64 N N   . VAL B 3 ? 0.0980 0.0891 0.0576 0.0370  -0.0302 -0.0004 129 VAL B N   
65 C CA  A VAL B 3 ? 0.0794 0.0829 0.0929 0.0362  0.0161  0.0255  129 VAL B CA  
66 C CA  B VAL B 3 ? 0.1020 0.0907 0.0700 0.0361  -0.0130 0.0152  129 VAL B CA  
67 C C   . VAL B 3 ? 0.1107 0.1046 0.0817 0.0424  -0.0008 0.0233  129 VAL B C   
68 O O   . VAL B 3 ? 0.0873 0.1042 0.1135 0.0223  -0.0012 0.0374  129 VAL B O   
69 C CB  A VAL B 3 ? 0.0826 0.1086 0.1202 0.0510  -0.0015 -0.0261 129 VAL B CB  
70 C CB  B VAL B 3 ? 0.0933 0.0878 0.0676 0.0279  -0.0216 0.0079  129 VAL B CB  
71 C CG1 A VAL B 3 ? 0.0926 0.0927 0.1098 0.0483  -0.0205 -0.0360 129 VAL B CG1 
72 C CG1 B VAL B 3 ? 0.0856 0.1097 0.0692 0.0336  -0.0200 0.0048  129 VAL B CG1 
73 C CG2 A VAL B 3 ? 0.0824 0.1408 0.1267 0.0500  -0.0002 -0.0413 129 VAL B CG2 
74 C CG2 B VAL B 3 ? 0.0925 0.0693 0.0575 0.0176  -0.0322 0.0069  129 VAL B CG2 
75 N N   . LEU B 4 ? 0.1071 0.0743 0.0601 0.0316  -0.0141 0.0027  130 LEU B N   
76 C CA  . LEU B 4 ? 0.1339 0.1155 0.0633 0.0336  -0.0205 0.0084  130 LEU B CA  
77 C C   . LEU B 4 ? 0.1663 0.1411 0.0897 -0.0095 -0.0225 -0.0007 130 LEU B C   
78 O O   . LEU B 4 ? 0.1165 0.1462 0.0892 -0.0587 -0.0137 0.0258  130 LEU B O   
79 C CB  . LEU B 4 ? 0.2087 0.1399 0.0875 0.0722  0.0302  0.0000  130 LEU B CB  
80 C CG  . LEU B 4 ? 0.1859 0.1476 0.1143 0.0715  0.0450  -0.0145 130 LEU B CG  
81 C CD1 . LEU B 4 ? 0.1713 0.1291 0.0838 0.0670  0.0364  -0.0015 130 LEU B CD1 
82 C CD2 . LEU B 4 ? 0.1997 0.1380 0.1424 0.0684  0.0664  -0.0044 130 LEU B CD2 
83 N N   . GLY B 5 ? 0.1769 0.1627 0.0897 -0.0574 -0.0519 0.0396  131 GLY B N   
84 C CA  . GLY B 5 ? 0.1941 0.2730 0.1277 -0.0975 -0.0496 0.0773  131 GLY B CA  
85 C C   . GLY B 5 ? 0.2494 0.3345 0.1480 -0.1379 -0.0612 0.0783  131 GLY B C   
86 O O   . GLY B 5 ? 0.2971 0.3166 0.1584 -0.1377 -0.0820 0.0690  131 GLY B O   
87 N N   . SER B 6 ? 0.3078 0.3469 0.1871 -0.1666 -0.0352 0.0884  132 SER B N   
88 C CA  . SER B 6 ? 0.3874 0.4901 0.2270 -0.1331 -0.0640 0.0872  132 SER B CA  
89 C C   . SER B 6 ? 0.3940 0.5993 0.2220 -0.1492 -0.0581 0.0946  132 SER B C   
90 O O   . SER B 6 ? 0.3517 0.6054 0.2050 -0.1566 -0.0406 0.1100  132 SER B O   
91 C CB  . SER B 6 ? 0.4327 0.5447 0.2911 -0.0484 -0.0542 0.0550  132 SER B CB  
92 O OG  . SER B 6 ? 0.4517 0.5544 0.3528 -0.0136 -0.0314 0.0224  132 SER B OG  
93 O OXT . SER B 6 ? 0.4482 0.6587 0.2941 -0.1424 -0.0907 0.0721  132 SER B OXT 
94 O O   . HOH C . ? 0.6939 0.3571 0.2892 0.2466  0.1764  0.0939  201 HOH A O   
95 O O   . HOH C . ? 0.3646 0.4523 0.3917 0.0266  0.0746  -0.0227 202 HOH A O   
96 O O   . HOH C . ? 0.4107 0.3733 0.4573 0.0838  0.0603  0.1126  203 HOH A O   
97 O O   . HOH D . ? 0.9627 0.3839 0.3430 0.1220  0.2179  0.0034  201 HOH B O   
98 O O   . HOH D . ? 0.4376 0.6784 0.6603 -0.0043 0.2059  -0.2337 202 HOH B O   
# 
